data_3G4Y
#
_entry.id   3G4Y
#
_cell.length_a   93.190
_cell.length_b   43.810
_cell.length_c   83.290
_cell.angle_alpha   90.00
_cell.angle_beta   121.77
_cell.angle_gamma   90.00
#
_symmetry.space_group_name_H-M   'C 1 2 1'
#
loop_
_entity.id
_entity.type
_entity.pdbx_description
1 polymer GLOBIN-1
2 non-polymer 'PROTOPORPHYRIN IX CONTAINING FE'
3 non-polymer 'CARBON MONOXIDE'
4 non-polymer (chloromethyl)benzene
5 water water
#
_entity_poly.entity_id   1
_entity_poly.type   'polypeptide(L)'
_entity_poly.pdbx_seq_one_letter_code
;PSVYDAAAQLTADVKKDLRDSWKVIGSDKKGNGVALMTTLFADNQETIGYFKRLGDVSQGMANDKLRGHSITLMYALQNF
IDQLDNPDDLVCVVEKFAVNHITRKISAAEFGKINGPIKKVLASKNFGDKYANAWAKLVAVVQAAL
;
_entity_poly.pdbx_strand_id   A,B
#
loop_
_chem_comp.id
_chem_comp.type
_chem_comp.name
_chem_comp.formula
9CL non-polymer (chloromethyl)benzene 'C7 H7 Cl'
CMO non-polymer 'CARBON MONOXIDE' 'C O'
HEM non-polymer 'PROTOPORPHYRIN IX CONTAINING FE' 'C34 H32 Fe N4 O4'
#
# COMPACT_ATOMS: atom_id res chain seq x y z
N SER A 2 6.81 -21.24 9.55
CA SER A 2 5.62 -20.70 10.26
C SER A 2 5.70 -19.18 10.39
N VAL A 3 4.79 -18.48 9.73
CA VAL A 3 4.78 -17.02 9.78
C VAL A 3 4.63 -16.55 11.22
N TYR A 4 3.86 -17.29 12.01
CA TYR A 4 3.65 -16.94 13.40
C TYR A 4 4.92 -17.06 14.24
N ASP A 5 5.72 -18.08 13.99
CA ASP A 5 6.96 -18.23 14.74
C ASP A 5 7.94 -17.15 14.29
N ALA A 6 7.88 -16.80 13.01
CA ALA A 6 8.77 -15.77 12.47
C ALA A 6 8.43 -14.41 13.09
N ALA A 7 7.13 -14.13 13.22
CA ALA A 7 6.68 -12.87 13.79
C ALA A 7 7.11 -12.77 15.26
N ALA A 8 7.22 -13.93 15.91
CA ALA A 8 7.62 -13.97 17.32
C ALA A 8 9.08 -13.57 17.50
N GLN A 9 9.84 -13.55 16.41
CA GLN A 9 11.25 -13.18 16.47
C GLN A 9 11.45 -11.67 16.53
N LEU A 10 10.36 -10.92 16.33
CA LEU A 10 10.44 -9.47 16.38
C LEU A 10 10.31 -9.03 17.83
N THR A 11 11.43 -9.11 18.56
CA THR A 11 11.48 -8.73 19.96
C THR A 11 11.48 -7.22 20.13
N ALA A 12 11.44 -6.78 21.38
CA ALA A 12 11.43 -5.35 21.69
C ALA A 12 12.58 -4.60 21.05
N ASP A 13 13.78 -5.18 21.12
CA ASP A 13 14.97 -4.55 20.56
C ASP A 13 14.90 -4.44 19.04
N VAL A 14 14.42 -5.50 18.40
CA VAL A 14 14.29 -5.51 16.94
C VAL A 14 13.26 -4.50 16.47
N LYS A 15 12.13 -4.45 17.17
CA LYS A 15 11.08 -3.51 16.80
C LYS A 15 11.58 -2.07 16.92
N LYS A 16 12.36 -1.80 17.96
CA LYS A 16 12.89 -0.45 18.16
C LYS A 16 13.82 -0.07 17.01
N ASP A 17 14.70 -0.98 16.61
CA ASP A 17 15.63 -0.70 15.52
C ASP A 17 14.88 -0.48 14.20
N LEU A 18 13.81 -1.24 13.99
CA LEU A 18 13.01 -1.08 12.78
C LEU A 18 12.39 0.30 12.77
N ARG A 19 11.78 0.69 13.88
CA ARG A 19 11.13 1.99 13.98
C ARG A 19 12.10 3.16 13.84
N ASP A 20 13.24 3.08 14.54
CA ASP A 20 14.22 4.15 14.50
C ASP A 20 14.79 4.39 13.10
N SER A 21 15.08 3.31 12.38
CA SER A 21 15.63 3.45 11.04
C SER A 21 14.54 3.87 10.05
N TRP A 22 13.34 3.38 10.24
CA TRP A 22 12.23 3.74 9.35
C TRP A 22 11.89 5.23 9.44
N LYS A 23 12.06 5.82 10.61
CA LYS A 23 11.76 7.24 10.79
C LYS A 23 12.57 8.07 9.79
N VAL A 24 13.80 7.63 9.53
CA VAL A 24 14.70 8.32 8.62
C VAL A 24 14.47 7.95 7.16
N ILE A 25 14.54 6.66 6.85
CA ILE A 25 14.37 6.22 5.47
C ILE A 25 12.94 6.39 4.96
N GLY A 26 11.95 6.24 5.84
CA GLY A 26 10.56 6.39 5.42
C GLY A 26 10.16 7.84 5.15
N SER A 27 11.04 8.77 5.52
CA SER A 27 10.76 10.19 5.32
C SER A 27 10.90 10.60 3.85
N ASP A 28 11.52 9.74 3.05
CA ASP A 28 11.67 10.01 1.62
C ASP A 28 11.36 8.72 0.87
N LYS A 29 10.07 8.41 0.80
CA LYS A 29 9.62 7.20 0.15
C LYS A 29 9.96 7.12 -1.33
N LYS A 30 9.82 8.24 -2.04
CA LYS A 30 10.12 8.25 -3.46
C LYS A 30 11.61 8.02 -3.71
N GLY A 31 12.44 8.81 -3.03
CA GLY A 31 13.88 8.68 -3.22
C GLY A 31 14.48 7.35 -2.80
N ASN A 32 14.17 6.89 -1.60
CA ASN A 32 14.70 5.64 -1.10
C ASN A 32 14.03 4.42 -1.72
N GLY A 33 12.78 4.56 -2.14
CA GLY A 33 12.08 3.46 -2.77
C GLY A 33 12.71 3.14 -4.12
N VAL A 34 12.96 4.17 -4.91
CA VAL A 34 13.58 3.99 -6.21
C VAL A 34 15.03 3.51 -6.02
N ALA A 35 15.69 4.00 -4.99
CA ALA A 35 17.07 3.60 -4.70
C ALA A 35 17.13 2.11 -4.41
N LEU A 36 16.16 1.62 -3.64
CA LEU A 36 16.10 0.20 -3.31
C LEU A 36 15.90 -0.65 -4.56
N MET A 37 14.99 -0.23 -5.43
CA MET A 37 14.72 -0.98 -6.65
C MET A 37 15.89 -0.98 -7.63
N THR A 38 16.47 0.20 -7.86
CA THR A 38 17.59 0.30 -8.79
C THR A 38 18.77 -0.53 -8.29
N THR A 39 18.95 -0.60 -6.98
CA THR A 39 20.03 -1.39 -6.42
C THR A 39 19.74 -2.87 -6.64
N LEU A 40 18.49 -3.28 -6.45
CA LEU A 40 18.12 -4.67 -6.66
C LEU A 40 18.42 -5.09 -8.10
N PHE A 41 18.02 -4.24 -9.06
CA PHE A 41 18.24 -4.54 -10.47
C PHE A 41 19.72 -4.53 -10.84
N ALA A 42 20.47 -3.62 -10.23
CA ALA A 42 21.90 -3.50 -10.52
C ALA A 42 22.73 -4.68 -9.99
N ASP A 43 22.43 -5.12 -8.77
CA ASP A 43 23.19 -6.21 -8.17
C ASP A 43 22.61 -7.62 -8.41
N ASN A 44 21.36 -7.68 -8.86
CA ASN A 44 20.72 -8.97 -9.12
C ASN A 44 19.99 -8.88 -10.45
N GLN A 45 20.74 -8.73 -11.53
CA GLN A 45 20.18 -8.61 -12.87
C GLN A 45 19.22 -9.71 -13.28
N GLU A 46 19.37 -10.90 -12.68
CA GLU A 46 18.51 -12.01 -13.02
C GLU A 46 17.06 -11.85 -12.55
N THR A 47 16.79 -10.80 -11.79
CA THR A 47 15.43 -10.56 -11.30
C THR A 47 14.65 -9.57 -12.17
N ILE A 48 15.36 -8.87 -13.06
CA ILE A 48 14.72 -7.89 -13.93
C ILE A 48 13.58 -8.46 -14.76
N GLY A 49 13.73 -9.70 -15.21
CA GLY A 49 12.70 -10.34 -16.02
C GLY A 49 11.31 -10.31 -15.39
N TYR A 50 11.25 -10.46 -14.07
CA TYR A 50 9.98 -10.45 -13.36
C TYR A 50 9.23 -9.12 -13.46
N PHE A 51 9.98 -8.05 -13.67
CA PHE A 51 9.41 -6.70 -13.72
C PHE A 51 9.12 -6.16 -15.11
N LYS A 52 8.80 -7.06 -16.03
CA LYS A 52 8.49 -6.73 -17.41
C LYS A 52 7.47 -5.59 -17.58
N ARG A 53 6.45 -5.57 -16.72
CA ARG A 53 5.41 -4.55 -16.80
C ARG A 53 5.92 -3.12 -16.64
N LEU A 54 7.01 -2.96 -15.90
CA LEU A 54 7.56 -1.63 -15.63
C LEU A 54 8.35 -1.02 -16.78
N GLY A 55 8.61 -1.81 -17.81
CA GLY A 55 9.35 -1.31 -18.96
C GLY A 55 10.85 -1.27 -18.75
N ASP A 56 11.49 -0.19 -19.20
CA ASP A 56 12.93 -0.03 -19.07
C ASP A 56 13.30 0.50 -17.69
N VAL A 57 13.58 -0.41 -16.76
CA VAL A 57 13.92 -0.04 -15.40
C VAL A 57 15.26 0.68 -15.24
N SER A 58 16.09 0.66 -16.27
CA SER A 58 17.39 1.33 -16.19
C SER A 58 17.22 2.85 -16.20
N GLN A 59 16.01 3.31 -16.51
CA GLN A 59 15.71 4.74 -16.55
C GLN A 59 15.51 5.29 -15.14
N GLY A 60 15.35 4.39 -14.18
CA GLY A 60 15.17 4.81 -12.80
C GLY A 60 14.01 5.77 -12.53
N MET A 61 14.34 6.87 -11.86
CA MET A 61 13.35 7.88 -11.49
C MET A 61 12.56 8.43 -12.66
N ALA A 62 13.15 8.42 -13.85
CA ALA A 62 12.50 8.92 -15.05
C ALA A 62 11.38 8.03 -15.56
N ASN A 63 11.36 6.78 -15.10
CA ASN A 63 10.34 5.81 -15.50
C ASN A 63 9.13 5.96 -14.57
N ASP A 64 8.03 6.48 -15.09
CA ASP A 64 6.83 6.68 -14.28
C ASP A 64 6.27 5.43 -13.64
N LYS A 65 6.28 4.31 -14.35
CA LYS A 65 5.77 3.07 -13.79
C LYS A 65 6.65 2.58 -12.65
N LEU A 66 7.97 2.75 -12.80
CA LEU A 66 8.89 2.33 -11.76
C LEU A 66 8.73 3.24 -10.54
N ARG A 67 8.52 4.53 -10.78
CA ARG A 67 8.35 5.46 -9.67
C ARG A 67 7.07 5.15 -8.89
N GLY A 68 5.98 4.90 -9.61
CA GLY A 68 4.72 4.58 -8.96
C GLY A 68 4.82 3.28 -8.17
N HIS A 69 5.53 2.32 -8.73
CA HIS A 69 5.72 1.04 -8.08
C HIS A 69 6.56 1.20 -6.82
N SER A 70 7.64 1.96 -6.94
CA SER A 70 8.56 2.18 -5.83
C SER A 70 7.94 2.92 -4.65
N ILE A 71 7.15 3.96 -4.93
CA ILE A 71 6.50 4.69 -3.86
C ILE A 71 5.51 3.77 -3.14
N THR A 72 4.75 3.00 -3.92
CA THR A 72 3.76 2.09 -3.35
C THR A 72 4.42 1.01 -2.48
N LEU A 73 5.58 0.52 -2.91
CA LEU A 73 6.30 -0.49 -2.15
C LEU A 73 6.63 0.05 -0.76
N MET A 74 6.98 1.32 -0.67
CA MET A 74 7.31 1.92 0.62
C MET A 74 6.13 1.98 1.56
N TYR A 75 4.92 2.05 1.00
CA TYR A 75 3.72 2.08 1.84
C TYR A 75 3.40 0.68 2.34
N ALA A 76 3.95 -0.33 1.68
CA ALA A 76 3.74 -1.70 2.12
C ALA A 76 4.59 -1.85 3.38
N LEU A 77 5.78 -1.25 3.36
CA LEU A 77 6.66 -1.31 4.52
C LEU A 77 6.10 -0.48 5.64
N GLN A 78 5.51 0.67 5.32
CA GLN A 78 4.90 1.54 6.32
C GLN A 78 3.81 0.76 7.05
N ASN A 79 3.06 -0.01 6.27
CA ASN A 79 1.98 -0.86 6.79
C ASN A 79 2.57 -1.83 7.82
N PHE A 80 3.60 -2.57 7.44
CA PHE A 80 4.23 -3.52 8.35
C PHE A 80 4.66 -2.87 9.67
N ILE A 81 5.35 -1.74 9.57
CA ILE A 81 5.83 -1.04 10.75
C ILE A 81 4.67 -0.66 11.66
N ASP A 82 3.59 -0.15 11.09
CA ASP A 82 2.43 0.24 11.88
C ASP A 82 1.73 -0.94 12.57
N GLN A 83 1.93 -2.15 12.06
CA GLN A 83 1.29 -3.34 12.64
C GLN A 83 2.16 -4.09 13.65
N LEU A 84 3.35 -3.60 13.94
CA LEU A 84 4.25 -4.28 14.86
C LEU A 84 3.68 -4.54 16.26
N ASP A 85 2.78 -3.69 16.72
CA ASP A 85 2.18 -3.86 18.04
C ASP A 85 1.26 -5.07 18.15
N ASN A 86 0.62 -5.42 17.04
CA ASN A 86 -0.31 -6.54 17.02
C ASN A 86 0.09 -7.61 16.02
N PRO A 87 0.67 -8.71 16.51
CA PRO A 87 1.10 -9.80 15.63
C PRO A 87 0.01 -10.37 14.72
N ASP A 88 -1.23 -10.42 15.21
CA ASP A 88 -2.33 -10.94 14.41
C ASP A 88 -2.60 -10.07 13.20
N ASP A 89 -2.46 -8.76 13.35
CA ASP A 89 -2.69 -7.86 12.23
C ASP A 89 -1.46 -7.84 11.32
N LEU A 90 -0.28 -7.96 11.91
CA LEU A 90 0.94 -7.98 11.10
C LEU A 90 0.88 -9.18 10.17
N VAL A 91 0.52 -10.34 10.74
CA VAL A 91 0.44 -11.55 9.94
C VAL A 91 -0.56 -11.45 8.79
N CYS A 92 -1.75 -10.93 9.04
CA CYS A 92 -2.73 -10.84 7.96
C CYS A 92 -2.32 -9.90 6.83
N VAL A 93 -1.57 -8.83 7.12
CA VAL A 93 -1.14 -7.94 6.05
C VAL A 93 0.06 -8.56 5.33
N VAL A 94 0.90 -9.29 6.05
CA VAL A 94 2.04 -9.94 5.42
C VAL A 94 1.53 -11.01 4.45
N GLU A 95 0.52 -11.76 4.87
CA GLU A 95 -0.03 -12.80 4.01
C GLU A 95 -0.70 -12.21 2.77
N LYS A 96 -1.24 -11.01 2.90
CA LYS A 96 -1.87 -10.34 1.76
C LYS A 96 -0.79 -10.05 0.72
N PHE A 97 0.32 -9.47 1.16
CA PHE A 97 1.40 -9.15 0.23
C PHE A 97 2.13 -10.40 -0.27
N ALA A 98 2.09 -11.47 0.52
CA ALA A 98 2.74 -12.71 0.11
C ALA A 98 2.02 -13.23 -1.13
N VAL A 99 0.70 -13.13 -1.16
CA VAL A 99 -0.09 -13.59 -2.28
C VAL A 99 0.27 -12.81 -3.55
N ASN A 100 0.51 -11.52 -3.41
CA ASN A 100 0.88 -10.68 -4.56
C ASN A 100 2.16 -11.20 -5.19
N HIS A 101 3.03 -11.81 -4.39
CA HIS A 101 4.28 -12.32 -4.91
C HIS A 101 4.21 -13.79 -5.30
N ILE A 102 3.37 -14.55 -4.63
CA ILE A 102 3.21 -15.97 -4.97
C ILE A 102 2.66 -16.06 -6.38
N THR A 103 1.75 -15.16 -6.72
CA THR A 103 1.15 -15.16 -8.06
C THR A 103 2.17 -14.82 -9.14
N ARG A 104 3.23 -14.11 -8.75
CA ARG A 104 4.30 -13.74 -9.67
C ARG A 104 5.40 -14.79 -9.69
N LYS A 105 5.17 -15.90 -9.01
CA LYS A 105 6.13 -16.99 -8.96
C LYS A 105 7.43 -16.64 -8.23
N ILE A 106 7.32 -15.81 -7.19
CA ILE A 106 8.47 -15.40 -6.39
C ILE A 106 8.61 -16.29 -5.16
N SER A 107 9.73 -17.00 -5.06
CA SER A 107 9.99 -17.89 -3.94
C SER A 107 10.56 -17.14 -2.74
N ALA A 108 10.61 -17.81 -1.59
CA ALA A 108 11.15 -17.21 -0.39
C ALA A 108 12.62 -16.87 -0.61
N ALA A 109 13.34 -17.74 -1.31
CA ALA A 109 14.75 -17.52 -1.58
C ALA A 109 15.00 -16.28 -2.42
N GLU A 110 14.19 -16.10 -3.47
CA GLU A 110 14.37 -14.93 -4.32
C GLU A 110 13.90 -13.64 -3.66
N PHE A 111 12.87 -13.73 -2.84
CA PHE A 111 12.37 -12.56 -2.14
C PHE A 111 13.50 -12.07 -1.23
N GLY A 112 14.25 -13.03 -0.68
CA GLY A 112 15.36 -12.72 0.20
C GLY A 112 16.49 -11.94 -0.44
N LYS A 113 16.50 -11.86 -1.77
CA LYS A 113 17.54 -11.12 -2.46
C LYS A 113 17.44 -9.63 -2.18
N ILE A 114 16.33 -9.22 -1.56
CA ILE A 114 16.12 -7.82 -1.23
C ILE A 114 16.96 -7.39 -0.03
N ASN A 115 17.48 -8.35 0.73
CA ASN A 115 18.30 -8.05 1.90
C ASN A 115 19.58 -7.32 1.54
N GLY A 116 20.19 -7.67 0.41
CA GLY A 116 21.41 -7.00 -0.02
C GLY A 116 21.13 -5.53 -0.24
N PRO A 117 20.16 -5.19 -1.10
CA PRO A 117 19.81 -3.80 -1.39
C PRO A 117 19.45 -3.01 -0.13
N ILE A 118 18.69 -3.63 0.78
CA ILE A 118 18.31 -2.96 2.02
C ILE A 118 19.55 -2.58 2.84
N LYS A 119 20.49 -3.51 2.95
CA LYS A 119 21.70 -3.24 3.72
C LYS A 119 22.51 -2.10 3.07
N LYS A 120 22.58 -2.11 1.74
CA LYS A 120 23.32 -1.07 1.03
C LYS A 120 22.70 0.31 1.19
N VAL A 121 21.38 0.39 1.04
CA VAL A 121 20.72 1.69 1.19
C VAL A 121 20.83 2.18 2.63
N LEU A 122 20.71 1.26 3.59
CA LEU A 122 20.82 1.66 4.99
C LEU A 122 22.23 2.17 5.26
N ALA A 123 23.23 1.48 4.72
CA ALA A 123 24.62 1.86 4.92
C ALA A 123 24.90 3.27 4.40
N SER A 124 24.28 3.62 3.28
CA SER A 124 24.47 4.93 2.69
C SER A 124 23.86 6.04 3.56
N LYS A 125 23.02 5.64 4.52
CA LYS A 125 22.38 6.58 5.42
C LYS A 125 23.00 6.52 6.82
N ASN A 126 24.11 5.79 6.93
CA ASN A 126 24.85 5.61 8.17
C ASN A 126 24.21 4.65 9.17
N PHE A 127 23.47 3.66 8.66
CA PHE A 127 22.85 2.65 9.51
C PHE A 127 23.57 1.35 9.17
N GLY A 128 24.26 0.78 10.15
CA GLY A 128 25.03 -0.43 9.94
C GLY A 128 24.34 -1.77 10.01
N ASP A 129 25.16 -2.82 10.09
CA ASP A 129 24.69 -4.20 10.16
C ASP A 129 23.58 -4.43 11.18
N LYS A 130 23.67 -3.76 12.32
CA LYS A 130 22.66 -3.90 13.37
C LYS A 130 21.26 -3.71 12.79
N TYR A 131 21.09 -2.62 12.04
CA TYR A 131 19.81 -2.29 11.43
C TYR A 131 19.47 -3.19 10.26
N ALA A 132 20.47 -3.59 9.49
CA ALA A 132 20.26 -4.47 8.36
C ALA A 132 19.73 -5.81 8.84
N ASN A 133 20.27 -6.29 9.95
CA ASN A 133 19.85 -7.55 10.51
C ASN A 133 18.42 -7.48 11.05
N ALA A 134 18.04 -6.32 11.58
CA ALA A 134 16.69 -6.14 12.10
C ALA A 134 15.72 -6.24 10.93
N TRP A 135 16.05 -5.58 9.82
CA TRP A 135 15.18 -5.63 8.67
C TRP A 135 15.14 -7.01 8.04
N ALA A 136 16.22 -7.77 8.20
CA ALA A 136 16.26 -9.12 7.66
C ALA A 136 15.24 -9.99 8.41
N LYS A 137 15.02 -9.68 9.69
CA LYS A 137 14.05 -10.44 10.47
C LYS A 137 12.62 -10.14 10.04
N LEU A 138 12.36 -8.91 9.63
CA LEU A 138 11.02 -8.57 9.17
C LEU A 138 10.80 -9.22 7.81
N VAL A 139 11.82 -9.17 6.95
CA VAL A 139 11.72 -9.77 5.63
C VAL A 139 11.48 -11.28 5.78
N ALA A 140 12.05 -11.86 6.84
CA ALA A 140 11.90 -13.29 7.09
C ALA A 140 10.45 -13.66 7.41
N VAL A 141 9.66 -12.71 7.90
CA VAL A 141 8.26 -12.98 8.19
C VAL A 141 7.53 -13.17 6.87
N VAL A 142 7.88 -12.36 5.87
CA VAL A 142 7.26 -12.48 4.56
C VAL A 142 7.71 -13.79 3.91
N GLN A 143 8.99 -14.12 4.04
CA GLN A 143 9.52 -15.34 3.46
C GLN A 143 8.79 -16.57 3.99
N ALA A 144 8.42 -16.55 5.27
CA ALA A 144 7.72 -17.68 5.88
C ALA A 144 6.33 -17.88 5.27
N ALA A 145 5.80 -16.86 4.61
CA ALA A 145 4.49 -16.94 4.01
C ALA A 145 4.51 -17.24 2.52
N LEU A 146 5.70 -17.33 1.95
CA LEU A 146 5.84 -17.61 0.52
C LEU A 146 5.96 -19.10 0.21
N SER B 2 -7.53 13.75 -19.27
CA SER B 2 -6.51 12.77 -18.81
C SER B 2 -6.54 12.67 -17.28
N VAL B 3 -5.73 11.76 -16.73
CA VAL B 3 -5.65 11.59 -15.29
C VAL B 3 -4.99 12.84 -14.71
N TYR B 4 -3.99 13.34 -15.41
CA TYR B 4 -3.27 14.54 -14.98
C TYR B 4 -4.25 15.71 -14.87
N ASP B 5 -5.16 15.82 -15.84
CA ASP B 5 -6.14 16.89 -15.84
C ASP B 5 -7.06 16.79 -14.62
N ALA B 6 -7.48 15.58 -14.30
CA ALA B 6 -8.36 15.34 -13.15
C ALA B 6 -7.64 15.62 -11.83
N ALA B 7 -6.35 15.33 -11.80
CA ALA B 7 -5.55 15.53 -10.59
C ALA B 7 -5.16 17.00 -10.43
N ALA B 8 -4.66 17.59 -11.50
CA ALA B 8 -4.25 18.98 -11.48
C ALA B 8 -5.39 19.92 -11.11
N GLN B 9 -6.63 19.43 -11.16
CA GLN B 9 -7.77 20.26 -10.82
C GLN B 9 -8.12 20.28 -9.33
N LEU B 10 -7.59 19.34 -8.57
CA LEU B 10 -7.83 19.28 -7.11
C LEU B 10 -7.31 20.59 -6.50
N THR B 11 -8.22 21.45 -6.08
CA THR B 11 -7.85 22.75 -5.52
C THR B 11 -7.39 22.73 -4.06
N ALA B 12 -6.84 23.86 -3.63
CA ALA B 12 -6.34 23.99 -2.27
C ALA B 12 -7.43 23.72 -1.24
N ASP B 13 -8.66 24.12 -1.55
CA ASP B 13 -9.77 23.91 -0.63
C ASP B 13 -10.15 22.44 -0.56
N VAL B 14 -10.14 21.77 -1.72
CA VAL B 14 -10.47 20.36 -1.79
C VAL B 14 -9.40 19.55 -1.06
N LYS B 15 -8.14 19.90 -1.26
CA LYS B 15 -7.05 19.19 -0.61
C LYS B 15 -7.14 19.38 0.91
N LYS B 16 -7.58 20.55 1.34
CA LYS B 16 -7.72 20.84 2.76
C LYS B 16 -8.79 19.94 3.40
N ASP B 17 -9.93 19.81 2.72
CA ASP B 17 -11.00 18.96 3.22
C ASP B 17 -10.60 17.50 3.22
N LEU B 18 -9.83 17.09 2.22
CA LEU B 18 -9.38 15.70 2.15
C LEU B 18 -8.44 15.40 3.31
N ARG B 19 -7.49 16.31 3.56
CA ARG B 19 -6.53 16.10 4.63
C ARG B 19 -7.19 16.15 6.02
N ASP B 20 -8.12 17.09 6.21
CA ASP B 20 -8.80 17.23 7.50
C ASP B 20 -9.62 16.00 7.86
N SER B 21 -10.31 15.43 6.87
CA SER B 21 -11.13 14.26 7.13
C SER B 21 -10.27 13.00 7.27
N TRP B 22 -9.18 12.93 6.51
CA TRP B 22 -8.29 11.78 6.58
C TRP B 22 -7.57 11.70 7.92
N LYS B 23 -7.32 12.84 8.54
CA LYS B 23 -6.65 12.87 9.85
C LYS B 23 -7.42 12.02 10.84
N VAL B 24 -8.74 12.08 10.73
CA VAL B 24 -9.63 11.34 11.61
C VAL B 24 -9.87 9.92 11.13
N ILE B 25 -10.38 9.77 9.91
CA ILE B 25 -10.68 8.45 9.40
C ILE B 25 -9.44 7.58 9.20
N GLY B 26 -8.35 8.20 8.78
CA GLY B 26 -7.13 7.45 8.57
C GLY B 26 -6.39 7.08 9.84
N SER B 27 -6.87 7.59 10.99
CA SER B 27 -6.21 7.30 12.26
C SER B 27 -6.60 5.92 12.78
N ASP B 28 -7.63 5.33 12.19
CA ASP B 28 -8.07 3.98 12.57
C ASP B 28 -8.30 3.23 11.26
N LYS B 29 -7.20 2.84 10.63
CA LYS B 29 -7.26 2.14 9.36
C LYS B 29 -7.95 0.79 9.41
N LYS B 30 -7.71 0.01 10.45
CA LYS B 30 -8.35 -1.29 10.56
C LYS B 30 -9.86 -1.14 10.76
N GLY B 31 -10.25 -0.31 11.72
CA GLY B 31 -11.66 -0.11 11.99
C GLY B 31 -12.43 0.50 10.84
N ASN B 32 -11.92 1.57 10.27
CA ASN B 32 -12.61 2.24 9.19
C ASN B 32 -12.46 1.56 7.83
N GLY B 33 -11.39 0.78 7.67
CA GLY B 33 -11.19 0.08 6.41
C GLY B 33 -12.20 -1.05 6.31
N VAL B 34 -12.37 -1.79 7.40
CA VAL B 34 -13.32 -2.89 7.40
C VAL B 34 -14.75 -2.34 7.29
N ALA B 35 -14.99 -1.21 7.93
CA ALA B 35 -16.31 -0.57 7.89
C ALA B 35 -16.65 -0.21 6.45
N LEU B 36 -15.67 0.32 5.71
CA LEU B 36 -15.88 0.69 4.32
C LEU B 36 -16.25 -0.53 3.48
N MET B 37 -15.51 -1.61 3.63
CA MET B 37 -15.78 -2.82 2.85
C MET B 37 -17.10 -3.47 3.20
N THR B 38 -17.41 -3.58 4.49
CA THR B 38 -18.67 -4.18 4.91
C THR B 38 -19.87 -3.36 4.43
N THR B 39 -19.69 -2.05 4.36
CA THR B 39 -20.76 -1.17 3.88
C THR B 39 -20.93 -1.35 2.38
N LEU B 40 -19.83 -1.55 1.66
CA LEU B 40 -19.90 -1.75 0.22
C LEU B 40 -20.68 -3.04 -0.05
N PHE B 41 -20.38 -4.09 0.70
CA PHE B 41 -21.05 -5.38 0.51
C PHE B 41 -22.51 -5.36 0.92
N ALA B 42 -22.85 -4.51 1.89
CA ALA B 42 -24.23 -4.41 2.36
C ALA B 42 -25.12 -3.65 1.40
N ASP B 43 -24.61 -2.57 0.83
CA ASP B 43 -25.36 -1.74 -0.09
C ASP B 43 -25.24 -2.13 -1.57
N ASN B 44 -24.18 -2.84 -1.91
CA ASN B 44 -23.96 -3.29 -3.28
C ASN B 44 -23.61 -4.76 -3.29
N GLN B 45 -24.58 -5.59 -2.95
CA GLN B 45 -24.39 -7.03 -2.87
C GLN B 45 -23.85 -7.66 -4.16
N GLU B 46 -24.07 -7.00 -5.29
CA GLU B 46 -23.61 -7.53 -6.57
C GLU B 46 -22.09 -7.54 -6.71
N THR B 47 -21.40 -6.84 -5.81
CA THR B 47 -19.95 -6.76 -5.87
C THR B 47 -19.27 -7.86 -5.05
N ILE B 48 -20.05 -8.56 -4.24
CA ILE B 48 -19.50 -9.61 -3.39
C ILE B 48 -18.71 -10.66 -4.18
N GLY B 49 -19.25 -11.08 -5.33
CA GLY B 49 -18.59 -12.08 -6.14
C GLY B 49 -17.15 -11.75 -6.55
N TYR B 50 -16.85 -10.47 -6.71
CA TYR B 50 -15.51 -10.04 -7.10
C TYR B 50 -14.45 -10.36 -6.05
N PHE B 51 -14.88 -10.46 -4.80
CA PHE B 51 -13.97 -10.70 -3.69
C PHE B 51 -13.93 -12.13 -3.18
N LYS B 52 -14.14 -13.09 -4.06
CA LYS B 52 -14.13 -14.49 -3.68
C LYS B 52 -12.84 -14.94 -2.99
N ARG B 53 -11.71 -14.30 -3.31
CA ARG B 53 -10.44 -14.67 -2.68
C ARG B 53 -10.46 -14.43 -1.18
N LEU B 54 -11.27 -13.48 -0.75
CA LEU B 54 -11.34 -13.14 0.66
C LEU B 54 -12.19 -14.08 1.52
N GLY B 55 -12.85 -15.04 0.89
CA GLY B 55 -13.66 -15.98 1.64
C GLY B 55 -15.02 -15.39 2.02
N ASP B 56 -15.52 -15.76 3.20
CA ASP B 56 -16.81 -15.28 3.66
C ASP B 56 -16.68 -13.86 4.24
N VAL B 57 -16.98 -12.86 3.43
CA VAL B 57 -16.86 -11.48 3.87
C VAL B 57 -17.88 -11.06 4.92
N SER B 58 -18.86 -11.93 5.20
CA SER B 58 -19.87 -11.62 6.21
C SER B 58 -19.26 -11.79 7.60
N GLN B 59 -18.06 -12.38 7.65
CA GLN B 59 -17.36 -12.62 8.91
C GLN B 59 -16.78 -11.33 9.48
N GLY B 60 -16.72 -10.29 8.65
CA GLY B 60 -16.20 -9.01 9.10
C GLY B 60 -14.79 -9.04 9.64
N MET B 61 -14.59 -8.39 10.78
CA MET B 61 -13.28 -8.30 11.41
C MET B 61 -12.59 -9.64 11.68
N ALA B 62 -13.40 -10.68 11.93
CA ALA B 62 -12.86 -12.01 12.22
C ALA B 62 -12.18 -12.65 11.03
N ASN B 63 -12.56 -12.22 9.82
CA ASN B 63 -11.99 -12.75 8.58
C ASN B 63 -10.61 -12.11 8.39
N ASP B 64 -9.56 -12.89 8.61
CA ASP B 64 -8.19 -12.37 8.47
C ASP B 64 -7.87 -11.85 7.08
N LYS B 65 -8.37 -12.53 6.05
CA LYS B 65 -8.11 -12.09 4.69
C LYS B 65 -8.79 -10.74 4.40
N LEU B 66 -10.00 -10.58 4.91
CA LEU B 66 -10.73 -9.32 4.70
C LEU B 66 -10.03 -8.22 5.50
N ARG B 67 -9.57 -8.56 6.70
CA ARG B 67 -8.90 -7.58 7.54
C ARG B 67 -7.60 -7.13 6.86
N GLY B 68 -6.83 -8.09 6.35
CA GLY B 68 -5.58 -7.75 5.68
C GLY B 68 -5.81 -6.87 4.46
N HIS B 69 -6.85 -7.20 3.70
CA HIS B 69 -7.20 -6.43 2.51
C HIS B 69 -7.63 -5.02 2.89
N SER B 70 -8.52 -4.92 3.88
CA SER B 70 -9.05 -3.63 4.32
C SER B 70 -7.99 -2.67 4.85
N ILE B 71 -7.05 -3.19 5.63
CA ILE B 71 -5.99 -2.33 6.16
C ILE B 71 -5.11 -1.85 5.01
N THR B 72 -4.78 -2.75 4.09
CA THR B 72 -3.95 -2.41 2.95
C THR B 72 -4.62 -1.37 2.06
N LEU B 73 -5.94 -1.46 1.91
CA LEU B 73 -6.66 -0.50 1.08
C LEU B 73 -6.50 0.90 1.67
N MET B 74 -6.48 1.00 2.99
CA MET B 74 -6.34 2.30 3.64
C MET B 74 -4.97 2.93 3.40
N TYR B 75 -3.96 2.10 3.13
CA TYR B 75 -2.63 2.63 2.87
C TYR B 75 -2.53 3.10 1.42
N ALA B 76 -3.43 2.60 0.58
CA ALA B 76 -3.46 3.03 -0.82
C ALA B 76 -3.97 4.47 -0.75
N LEU B 77 -4.97 4.71 0.10
CA LEU B 77 -5.52 6.04 0.25
C LEU B 77 -4.50 6.95 0.95
N GLN B 78 -3.75 6.39 1.90
CA GLN B 78 -2.72 7.18 2.59
C GLN B 78 -1.74 7.67 1.54
N ASN B 79 -1.41 6.79 0.61
CA ASN B 79 -0.49 7.09 -0.47
C ASN B 79 -1.03 8.28 -1.27
N PHE B 80 -2.29 8.19 -1.69
CA PHE B 80 -2.92 9.27 -2.46
C PHE B 80 -2.86 10.60 -1.72
N ILE B 81 -3.28 10.60 -0.46
CA ILE B 81 -3.27 11.81 0.35
C ILE B 81 -1.88 12.44 0.45
N ASP B 82 -0.86 11.60 0.64
CA ASP B 82 0.50 12.11 0.75
C ASP B 82 1.04 12.71 -0.55
N GLN B 83 0.50 12.30 -1.68
CA GLN B 83 0.96 12.82 -2.98
C GLN B 83 0.16 14.00 -3.52
N LEU B 84 -0.83 14.47 -2.76
CA LEU B 84 -1.67 15.57 -3.23
C LEU B 84 -0.97 16.81 -3.78
N ASP B 85 0.14 17.21 -3.17
CA ASP B 85 0.83 18.42 -3.64
C ASP B 85 1.75 18.25 -4.83
N ASN B 86 1.85 17.03 -5.36
CA ASN B 86 2.67 16.78 -6.53
C ASN B 86 1.89 15.92 -7.51
N PRO B 87 1.12 16.56 -8.40
CA PRO B 87 0.31 15.84 -9.39
C PRO B 87 1.06 14.75 -10.14
N ASP B 88 2.33 14.99 -10.45
CA ASP B 88 3.13 14.00 -11.17
C ASP B 88 3.24 12.71 -10.38
N ASP B 89 3.46 12.82 -9.07
CA ASP B 89 3.58 11.64 -8.24
C ASP B 89 2.20 11.02 -8.02
N LEU B 90 1.19 11.86 -7.82
CA LEU B 90 -0.17 11.35 -7.61
C LEU B 90 -0.60 10.53 -8.83
N VAL B 91 -0.34 11.06 -10.02
CA VAL B 91 -0.72 10.36 -11.24
C VAL B 91 -0.06 8.99 -11.38
N CYS B 92 1.23 8.89 -11.12
CA CYS B 92 1.89 7.60 -11.28
C CYS B 92 1.44 6.56 -10.26
N VAL B 93 1.02 6.99 -9.06
CA VAL B 93 0.55 6.01 -8.07
C VAL B 93 -0.88 5.62 -8.39
N VAL B 94 -1.67 6.57 -8.90
CA VAL B 94 -3.04 6.29 -9.28
C VAL B 94 -3.07 5.31 -10.45
N GLU B 95 -2.17 5.49 -11.41
CA GLU B 95 -2.14 4.58 -12.54
C GLU B 95 -1.72 3.18 -12.11
N LYS B 96 -0.86 3.10 -11.10
CA LYS B 96 -0.41 1.80 -10.61
C LYS B 96 -1.63 1.05 -10.03
N PHE B 97 -2.39 1.73 -9.18
CA PHE B 97 -3.57 1.11 -8.59
C PHE B 97 -4.67 0.86 -9.60
N ALA B 98 -4.72 1.67 -10.66
CA ALA B 98 -5.73 1.48 -11.69
C ALA B 98 -5.51 0.12 -12.35
N VAL B 99 -4.25 -0.21 -12.61
CA VAL B 99 -3.92 -1.50 -13.22
C VAL B 99 -4.40 -2.66 -12.37
N ASN B 100 -4.27 -2.54 -11.05
CA ASN B 100 -4.71 -3.58 -10.14
C ASN B 100 -6.20 -3.86 -10.33
N HIS B 101 -6.96 -2.83 -10.69
CA HIS B 101 -8.40 -3.00 -10.87
C HIS B 101 -8.80 -3.31 -12.31
N ILE B 102 -8.00 -2.85 -13.25
CA ILE B 102 -8.27 -3.12 -14.66
C ILE B 102 -8.12 -4.63 -14.89
N THR B 103 -7.15 -5.22 -14.22
CA THR B 103 -6.91 -6.65 -14.36
C THR B 103 -8.09 -7.47 -13.83
N ARG B 104 -8.88 -6.87 -12.94
CA ARG B 104 -10.05 -7.53 -12.38
C ARG B 104 -11.33 -7.13 -13.12
N LYS B 105 -11.15 -6.41 -14.22
CA LYS B 105 -12.27 -5.96 -15.04
C LYS B 105 -13.23 -5.03 -14.30
N ILE B 106 -12.69 -4.15 -13.48
CA ILE B 106 -13.50 -3.19 -12.74
C ILE B 106 -13.58 -1.92 -13.58
N SER B 107 -14.78 -1.56 -14.02
CA SER B 107 -14.99 -0.38 -14.84
C SER B 107 -14.99 0.89 -14.01
N ALA B 108 -14.90 2.04 -14.68
CA ALA B 108 -14.91 3.32 -14.00
C ALA B 108 -16.21 3.49 -13.24
N ALA B 109 -17.31 3.02 -13.83
CA ALA B 109 -18.62 3.13 -13.19
C ALA B 109 -18.70 2.28 -11.93
N GLU B 110 -18.17 1.06 -12.00
CA GLU B 110 -18.20 0.16 -10.84
C GLU B 110 -17.30 0.69 -9.73
N PHE B 111 -16.16 1.27 -10.09
CA PHE B 111 -15.25 1.80 -9.10
C PHE B 111 -15.97 2.92 -8.32
N GLY B 112 -16.80 3.68 -9.02
CA GLY B 112 -17.54 4.77 -8.40
C GLY B 112 -18.56 4.33 -7.36
N LYS B 113 -18.81 3.03 -7.26
CA LYS B 113 -19.78 2.55 -6.27
C LYS B 113 -19.24 2.78 -4.86
N ILE B 114 -17.94 3.00 -4.76
CA ILE B 114 -17.31 3.22 -3.46
C ILE B 114 -17.70 4.56 -2.84
N ASN B 115 -18.25 5.46 -3.64
CA ASN B 115 -18.65 6.78 -3.12
C ASN B 115 -19.73 6.69 -2.05
N GLY B 116 -20.69 5.80 -2.24
CA GLY B 116 -21.76 5.64 -1.25
C GLY B 116 -21.19 5.28 0.11
N PRO B 117 -20.40 4.21 0.20
CA PRO B 117 -19.81 3.78 1.47
C PRO B 117 -18.92 4.86 2.09
N ILE B 118 -18.15 5.56 1.27
CA ILE B 118 -17.29 6.62 1.78
C ILE B 118 -18.14 7.69 2.45
N LYS B 119 -19.22 8.08 1.78
CA LYS B 119 -20.11 9.09 2.33
C LYS B 119 -20.68 8.65 3.68
N LYS B 120 -21.08 7.39 3.79
CA LYS B 120 -21.63 6.87 5.03
C LYS B 120 -20.63 6.83 6.17
N VAL B 121 -19.42 6.37 5.89
CA VAL B 121 -18.41 6.30 6.94
C VAL B 121 -18.02 7.72 7.36
N LEU B 122 -17.99 8.64 6.39
CA LEU B 122 -17.65 10.03 6.71
C LEU B 122 -18.72 10.60 7.64
N ALA B 123 -19.98 10.28 7.34
CA ALA B 123 -21.10 10.77 8.15
C ALA B 123 -21.04 10.21 9.57
N SER B 124 -20.49 9.01 9.73
CA SER B 124 -20.40 8.40 11.05
C SER B 124 -19.46 9.18 11.96
N LYS B 125 -18.59 10.00 11.37
CA LYS B 125 -17.64 10.81 12.12
C LYS B 125 -18.02 12.28 11.99
N ASN B 126 -19.26 12.52 11.55
CA ASN B 126 -19.81 13.85 11.38
C ASN B 126 -19.22 14.73 10.29
N PHE B 127 -18.68 14.11 9.26
CA PHE B 127 -18.14 14.86 8.12
C PHE B 127 -19.28 14.85 7.09
N GLY B 128 -19.78 16.04 6.75
CA GLY B 128 -20.89 16.16 5.83
C GLY B 128 -20.65 16.07 4.33
N ASP B 129 -21.66 16.50 3.58
CA ASP B 129 -21.63 16.45 2.12
C ASP B 129 -20.42 17.11 1.49
N LYS B 130 -19.97 18.22 2.08
CA LYS B 130 -18.81 18.94 1.55
C LYS B 130 -17.63 17.98 1.46
N TYR B 131 -17.43 17.18 2.50
CA TYR B 131 -16.34 16.22 2.56
C TYR B 131 -16.55 15.04 1.61
N ALA B 132 -17.80 14.58 1.49
CA ALA B 132 -18.10 13.47 0.60
C ALA B 132 -17.83 13.91 -0.83
N ASN B 133 -18.15 15.16 -1.13
CA ASN B 133 -17.91 15.70 -2.47
C ASN B 133 -16.41 15.78 -2.75
N ALA B 134 -15.63 16.12 -1.73
CA ALA B 134 -14.20 16.22 -1.89
C ALA B 134 -13.63 14.84 -2.23
N TRP B 135 -14.08 13.82 -1.51
CA TRP B 135 -13.60 12.47 -1.76
C TRP B 135 -14.05 11.94 -3.12
N ALA B 136 -15.22 12.38 -3.58
CA ALA B 136 -15.72 11.94 -4.88
C ALA B 136 -14.78 12.49 -5.95
N LYS B 137 -14.19 13.66 -5.70
CA LYS B 137 -13.27 14.25 -6.66
C LYS B 137 -11.96 13.46 -6.73
N LEU B 138 -11.53 12.92 -5.59
CA LEU B 138 -10.30 12.12 -5.58
C LEU B 138 -10.58 10.79 -6.28
N VAL B 139 -11.75 10.22 -6.01
CA VAL B 139 -12.13 8.96 -6.63
C VAL B 139 -12.22 9.14 -8.15
N ALA B 140 -12.63 10.34 -8.57
CA ALA B 140 -12.75 10.66 -9.99
C ALA B 140 -11.40 10.65 -10.69
N VAL B 141 -10.32 10.90 -9.94
CA VAL B 141 -8.99 10.87 -10.52
C VAL B 141 -8.66 9.44 -10.92
N VAL B 142 -9.06 8.49 -10.07
CA VAL B 142 -8.82 7.07 -10.38
C VAL B 142 -9.70 6.67 -11.56
N GLN B 143 -10.95 7.14 -11.56
CA GLN B 143 -11.87 6.81 -12.63
C GLN B 143 -11.36 7.28 -14.00
N ALA B 144 -10.58 8.35 -14.01
CA ALA B 144 -10.03 8.86 -15.27
C ALA B 144 -9.01 7.88 -15.86
N ALA B 145 -8.52 6.99 -15.00
CA ALA B 145 -7.54 5.99 -15.43
C ALA B 145 -8.19 4.64 -15.74
N LEU B 146 -9.49 4.54 -15.53
CA LEU B 146 -10.21 3.29 -15.78
C LEU B 146 -11.04 3.31 -17.06
CHA HEM C . 5.06 -6.12 -6.81
CHB HEM C . 6.24 -5.06 -2.19
CHC HEM C . 10.44 -7.53 -2.78
CHD HEM C . 8.89 -9.09 -7.15
C1A HEM C . 5.05 -5.58 -5.52
C2A HEM C . 3.99 -4.74 -5.01
C3A HEM C . 4.32 -4.43 -3.72
C4A HEM C . 5.57 -5.10 -3.43
CMA HEM C . 3.52 -3.56 -2.77
CAA HEM C . 2.71 -4.45 -5.76
CBA HEM C . 1.72 -5.61 -5.65
CGA HEM C . 0.66 -5.58 -6.73
O1A HEM C . 0.11 -4.49 -6.99
O2A HEM C . 0.36 -6.65 -7.31
C1B HEM C . 7.48 -5.68 -1.94
C2B HEM C . 8.23 -5.54 -0.71
C3B HEM C . 9.43 -6.16 -0.88
C4B HEM C . 9.41 -6.73 -2.23
CMB HEM C . 7.72 -4.86 0.56
CAB HEM C . 10.52 -6.27 0.01
CBB HEM C . 10.87 -5.36 1.06
C1C HEM C . 10.38 -8.18 -4.02
C2C HEM C . 11.43 -9.02 -4.57
C3C HEM C . 10.98 -9.48 -5.79
C4C HEM C . 9.65 -8.92 -5.97
CMC HEM C . 12.78 -9.30 -3.89
CAC HEM C . 11.66 -10.22 -6.77
CBC HEM C . 12.87 -11.00 -6.60
C1D HEM C . 7.73 -8.37 -7.45
C2D HEM C . 7.09 -8.38 -8.73
C3D HEM C . 6.04 -7.54 -8.65
C4D HEM C . 6.02 -7.01 -7.31
CMD HEM C . 7.51 -9.17 -9.97
CAD HEM C . 5.08 -7.20 -9.78
CBD HEM C . 5.42 -5.87 -10.44
CGD HEM C . 4.39 -5.46 -11.47
O1D HEM C . 4.29 -6.15 -12.51
O2D HEM C . 3.67 -4.47 -11.24
NA HEM C . 6.00 -5.82 -4.54
NB HEM C . 8.20 -6.43 -2.86
NC HEM C . 9.30 -8.11 -4.90
ND HEM C . 7.10 -7.49 -6.59
FE HEM C . 7.64 -6.98 -4.72
C CMO D . 8.68 -5.58 -5.44
O CMO D . 9.49 -4.77 -5.86
C 9CL E . 14.56 -0.01 5.63
C1 9CL E . 14.62 0.41 4.19
C2 9CL E . 15.86 0.66 3.61
C3 9CL E . 15.93 1.05 2.28
C4 9CL E . 14.77 1.20 1.53
C5 9CL E . 13.54 0.94 2.12
C6 9CL E . 13.47 0.55 3.45
CL1 9CL E . 14.42 1.43 6.72
CHA HEM F . -8.12 -5.07 -4.69
CHB HEM F . -7.80 -0.43 -3.27
CHC HEM F . -12.40 0.30 -4.73
CHD HEM F . -12.52 -4.23 -6.57
C1A HEM F . -7.63 -3.88 -4.16
C2A HEM F . -6.30 -3.67 -3.64
C3A HEM F . -6.21 -2.38 -3.21
C4A HEM F . -7.49 -1.77 -3.50
CMA HEM F . -5.00 -1.69 -2.60
CAA HEM F . -5.20 -4.73 -3.68
CBA HEM F . -4.63 -4.85 -5.09
CGA HEM F . -3.78 -6.09 -5.26
O1A HEM F . -3.04 -6.42 -4.32
O2A HEM F . -3.83 -6.71 -6.35
C1B HEM F . -9.00 0.20 -3.60
C2B HEM F . -9.33 1.58 -3.31
C3B HEM F . -10.64 1.78 -3.68
C4B HEM F . -11.11 0.51 -4.22
CMB HEM F . -8.36 2.65 -2.80
CAB HEM F . -11.42 2.94 -3.60
CBB HEM F . -11.31 3.97 -2.59
C1C HEM F . -12.85 -0.87 -5.34
C2C HEM F . -14.19 -1.10 -5.83
C3C HEM F . -14.23 -2.36 -6.37
C4C HEM F . -12.89 -2.91 -6.19
CMC HEM F . -15.35 -0.10 -5.73
CAC HEM F . -15.31 -3.08 -6.94
CBC HEM F . -16.61 -2.60 -7.30
C1D HEM F . -11.32 -4.85 -6.23
C2D HEM F . -11.06 -6.26 -6.40
C3D HEM F . -9.86 -6.50 -5.85
C4D HEM F . -9.36 -5.24 -5.32
CMD HEM F . -12.00 -7.31 -6.98
CAD HEM F . -9.15 -7.84 -5.73
CBD HEM F . -9.36 -8.47 -4.37
CGD HEM F . -8.52 -9.72 -4.17
O1D HEM F . -8.84 -10.76 -4.80
O2D HEM F . -7.55 -9.66 -3.39
NA HEM F . -8.34 -2.69 -4.11
NB HEM F . -10.09 -0.45 -4.17
NC HEM F . -12.06 -2.00 -5.54
ND HEM F . -10.28 -4.23 -5.53
FE HEM F . -10.19 -2.33 -4.87
C CMO G . -10.96 -2.85 -3.23
O CMO G . -11.57 -3.17 -2.23
C 9CL H . -12.77 9.07 3.65
C1 9CL H . -12.84 7.59 3.94
C2 9CL H . -13.95 7.04 4.56
C3 9CL H . -13.99 5.67 4.81
C4 9CL H . -12.92 4.86 4.45
C5 9CL H . -11.82 5.41 3.82
C6 9CL H . -11.77 6.77 3.57
CL1 9CL H . -12.00 9.98 5.01
#